data_3EOF
#
_entry.id   3EOF
#
_cell.length_a   69.370
_cell.length_b   80.820
_cell.length_c   101.470
_cell.angle_alpha   90.000
_cell.angle_beta   90.000
_cell.angle_gamma   90.000
#
_symmetry.space_group_name_H-M   'P 21 21 21'
#
loop_
_entity.id
_entity.type
_entity.pdbx_description
1 polymer 'Putative oxidoreductase'
2 non-polymer 'FLAVIN MONONUCLEOTIDE'
3 water water
#
_entity_poly.entity_id   1
_entity_poly.type   'polypeptide(L)'
_entity_poly.pdbx_seq_one_letter_code
;G(MSE)(MSE)DTVKNRRTIRKYQQKDITPDLLNDLLETSFRAST(MSE)GG(MSE)QLYSVVVTRDAEKKEILSPAHFN
QP(MSE)VKEAPVVLTFCADFRRFCKYCQERNAVPGYGNL(MSE)SFLNAA(MSE)DTLLVAQTFCTLAEEAGLGICYLG
TTTYNPQ(MSE)IIDALHLPELVFPITTVTVGYPAESPKQVDRLPIEGIIHEESYHDYTAEDINRLYAYKESLPENKLFI
EENQKETLPQVFTDVRYTKKDNEF(MSE)SENLLKVLRRQGF(MSE)D
;
_entity_poly.pdbx_strand_id   A,B
#
loop_
_chem_comp.id
_chem_comp.type
_chem_comp.name
_chem_comp.formula
FMN non-polymer 'FLAVIN MONONUCLEOTIDE' 'C17 H21 N4 O9 P'
#
# COMPACT_ATOMS: atom_id res chain seq x y z
N GLY A 1 9.52 -10.62 17.97
CA GLY A 1 8.57 -11.68 17.54
C GLY A 1 7.88 -11.40 16.21
N MSE A 2 7.71 -10.13 15.84
CA MSE A 2 7.00 -9.77 14.57
C MSE A 2 7.73 -10.29 13.34
O MSE A 2 7.11 -10.63 12.33
CB MSE A 2 6.78 -8.24 14.46
CG MSE A 2 5.51 -7.83 13.79
SE MSE A 2 4.79 -6.19 14.60
CE MSE A 2 5.17 -6.45 16.61
N MSE A 3 9.06 -10.38 13.43
CA MSE A 3 9.83 -10.90 12.30
C MSE A 3 9.67 -12.40 12.10
O MSE A 3 9.52 -12.88 10.98
CB MSE A 3 11.30 -10.54 12.40
CG MSE A 3 11.97 -10.89 11.10
SE MSE A 3 13.42 -9.81 10.75
CE MSE A 3 14.49 -10.62 12.28
N ASP A 4 9.67 -13.15 13.19
CA ASP A 4 9.49 -14.60 13.10
C ASP A 4 8.04 -14.83 12.65
N THR A 5 7.11 -14.03 13.16
CA THR A 5 5.73 -14.10 12.73
C THR A 5 5.61 -13.84 11.24
N VAL A 6 6.28 -12.81 10.73
CA VAL A 6 6.21 -12.51 9.31
C VAL A 6 6.92 -13.59 8.48
N LYS A 7 8.06 -14.08 8.96
CA LYS A 7 8.83 -15.08 8.25
C LYS A 7 7.95 -16.31 7.98
N ASN A 8 7.13 -16.64 8.98
CA ASN A 8 6.25 -17.81 8.96
C ASN A 8 4.81 -17.56 8.65
N ARG A 9 4.50 -16.37 8.16
CA ARG A 9 3.14 -16.02 7.88
C ARG A 9 2.62 -16.70 6.62
N ARG A 10 1.33 -16.87 6.61
CA ARG A 10 0.65 -17.39 5.48
C ARG A 10 -0.76 -16.87 5.56
N THR A 11 -1.39 -16.78 4.40
CA THR A 11 -2.74 -16.32 4.28
C THR A 11 -3.66 -17.42 4.83
N ILE A 12 -4.69 -16.99 5.56
CA ILE A 12 -5.63 -17.89 6.17
C ILE A 12 -6.96 -17.53 5.62
N ARG A 13 -7.65 -18.54 5.07
CA ARG A 13 -8.93 -18.41 4.42
C ARG A 13 -10.07 -19.19 5.10
N LYS A 14 -9.76 -19.94 6.17
CA LYS A 14 -10.75 -20.75 6.87
C LYS A 14 -10.67 -20.26 8.30
N TYR A 15 -11.82 -19.96 8.91
CA TYR A 15 -11.84 -19.37 10.24
C TYR A 15 -12.69 -20.18 11.18
N GLN A 16 -12.28 -20.07 12.43
CA GLN A 16 -12.90 -20.76 13.51
C GLN A 16 -14.22 -20.01 13.78
N GLN A 17 -15.20 -20.73 14.33
CA GLN A 17 -16.46 -20.16 14.75
C GLN A 17 -16.17 -19.54 16.08
N LYS A 18 -15.56 -18.36 16.06
CA LYS A 18 -15.12 -17.64 17.25
C LYS A 18 -15.03 -16.20 16.81
N ASP A 19 -15.72 -15.31 17.51
CA ASP A 19 -15.78 -13.91 17.12
C ASP A 19 -14.52 -13.16 17.56
N ILE A 20 -14.24 -12.03 16.89
CA ILE A 20 -13.16 -11.14 17.28
C ILE A 20 -13.91 -10.09 18.12
N THR A 21 -13.50 -9.86 19.36
CA THR A 21 -14.18 -8.86 20.17
C THR A 21 -13.98 -7.46 19.61
N PRO A 22 -14.94 -6.56 19.88
CA PRO A 22 -14.70 -5.14 19.55
C PRO A 22 -13.39 -4.60 20.18
N ASP A 23 -13.12 -4.90 21.45
CA ASP A 23 -11.88 -4.42 22.10
C ASP A 23 -10.66 -4.74 21.26
N LEU A 24 -10.57 -5.99 20.81
CA LEU A 24 -9.42 -6.48 20.01
C LEU A 24 -9.41 -5.87 18.61
N LEU A 25 -10.50 -6.00 17.85
CA LEU A 25 -10.54 -5.38 16.55
C LEU A 25 -10.21 -3.86 16.62
N ASN A 26 -10.84 -3.12 17.52
CA ASN A 26 -10.58 -1.70 17.63
C ASN A 26 -9.18 -1.39 18.06
N ASP A 27 -8.59 -2.23 18.91
CA ASP A 27 -7.21 -2.00 19.37
C ASP A 27 -6.22 -2.20 18.21
N LEU A 28 -6.41 -3.27 17.43
CA LEU A 28 -5.62 -3.54 16.25
C LEU A 28 -5.77 -2.42 15.24
N LEU A 29 -6.99 -1.99 14.94
CA LEU A 29 -7.21 -0.88 14.02
C LEU A 29 -6.59 0.42 14.57
N GLU A 30 -6.84 0.78 15.83
CA GLU A 30 -6.29 2.00 16.37
C GLU A 30 -4.78 2.02 16.21
N THR A 31 -4.14 0.89 16.48
CA THR A 31 -2.68 0.75 16.33
C THR A 31 -2.32 0.79 14.85
N SER A 32 -3.07 0.12 14.00
CA SER A 32 -2.73 0.19 12.58
C SER A 32 -2.69 1.63 12.08
N PHE A 33 -3.54 2.48 12.66
CA PHE A 33 -3.66 3.86 12.20
C PHE A 33 -2.42 4.68 12.56
N ARG A 34 -1.52 4.12 13.36
CA ARG A 34 -0.21 4.71 13.61
C ARG A 34 0.75 4.57 12.41
N ALA A 35 0.34 3.87 11.36
CA ALA A 35 1.09 3.74 10.11
C ALA A 35 1.35 5.15 9.60
N SER A 36 2.42 5.30 8.84
CA SER A 36 2.77 6.59 8.27
C SER A 36 1.63 7.01 7.43
N THR A 37 1.38 8.32 7.45
CA THR A 37 0.29 8.90 6.67
C THR A 37 0.73 10.25 6.14
N MSE A 38 0.41 10.54 4.88
CA MSE A 38 0.82 11.77 4.20
C MSE A 38 0.27 12.95 4.91
O MSE A 38 -0.96 13.06 5.06
CB MSE A 38 0.32 11.82 2.78
CG MSE A 38 0.86 13.00 2.02
SE MSE A 38 0.03 12.99 0.23
CE MSE A 38 -1.37 14.26 0.58
N GLY A 39 1.17 13.83 5.30
CA GLY A 39 0.84 15.04 6.04
C GLY A 39 0.17 14.82 7.38
N GLY A 40 0.18 13.57 7.86
CA GLY A 40 -0.51 13.22 9.09
C GLY A 40 -2.01 13.31 8.91
N MSE A 41 -2.45 13.21 7.66
CA MSE A 41 -3.83 13.45 7.30
C MSE A 41 -4.77 12.30 7.47
O MSE A 41 -5.95 12.53 7.61
CB MSE A 41 -3.90 13.90 5.86
CG MSE A 41 -3.16 15.20 5.60
SE MSE A 41 -2.87 15.49 3.74
CE MSE A 41 -4.52 16.32 3.23
N GLN A 42 -4.25 11.07 7.45
CA GLN A 42 -5.04 9.84 7.57
C GLN A 42 -6.09 9.80 6.50
N LEU A 43 -5.67 9.50 5.28
CA LEU A 43 -6.57 9.52 4.13
C LEU A 43 -7.30 8.22 3.82
N TYR A 44 -7.97 7.70 4.85
CA TYR A 44 -8.62 6.42 4.78
C TYR A 44 -9.75 6.32 5.76
N SER A 45 -10.63 5.38 5.48
CA SER A 45 -11.70 4.98 6.37
C SER A 45 -11.70 3.48 6.24
N VAL A 46 -12.18 2.83 7.28
CA VAL A 46 -12.30 1.39 7.35
C VAL A 46 -13.76 1.07 7.66
N VAL A 47 -14.42 0.39 6.72
CA VAL A 47 -15.74 -0.10 6.98
C VAL A 47 -15.59 -1.51 7.57
N VAL A 48 -16.15 -1.68 8.77
CA VAL A 48 -16.16 -2.95 9.52
C VAL A 48 -17.53 -3.62 9.29
N THR A 49 -17.49 -4.78 8.63
CA THR A 49 -18.62 -5.64 8.34
C THR A 49 -18.62 -6.92 9.20
N ARG A 50 -19.58 -7.03 10.09
CA ARG A 50 -19.74 -8.17 10.98
C ARG A 50 -21.08 -8.88 10.77
N ASP A 51 -22.10 -8.13 10.36
CA ASP A 51 -23.43 -8.66 10.13
C ASP A 51 -23.47 -9.68 9.00
N ALA A 52 -24.20 -10.78 9.21
CA ALA A 52 -24.29 -11.88 8.25
C ALA A 52 -24.90 -11.47 6.94
N GLU A 53 -26.00 -10.70 6.99
CA GLU A 53 -26.62 -10.26 5.72
C GLU A 53 -25.75 -9.24 5.02
N LYS A 54 -24.93 -8.50 5.77
CA LYS A 54 -24.05 -7.51 5.16
C LYS A 54 -22.95 -8.25 4.40
N LYS A 55 -22.47 -9.36 4.99
CA LYS A 55 -21.50 -10.25 4.36
C LYS A 55 -22.08 -10.89 3.08
N GLU A 56 -23.33 -11.29 3.11
CA GLU A 56 -23.99 -11.87 1.95
C GLU A 56 -24.10 -10.88 0.80
N ILE A 57 -24.34 -9.61 1.16
CA ILE A 57 -24.39 -8.51 0.19
C ILE A 57 -23.02 -8.23 -0.44
N LEU A 58 -21.96 -8.23 0.36
CA LEU A 58 -20.57 -8.02 -0.13
C LEU A 58 -20.01 -9.18 -0.92
N SER A 59 -20.52 -10.36 -0.63
CA SER A 59 -20.03 -11.62 -1.21
C SER A 59 -19.92 -11.64 -2.73
N PRO A 60 -20.98 -11.25 -3.45
CA PRO A 60 -20.92 -11.22 -4.92
C PRO A 60 -19.87 -10.29 -5.49
N ALA A 61 -19.68 -9.13 -4.84
CA ALA A 61 -18.65 -8.16 -5.22
C ALA A 61 -17.27 -8.86 -5.24
N HIS A 62 -17.09 -9.79 -4.28
CA HIS A 62 -15.86 -10.54 -4.14
C HIS A 62 -15.93 -11.91 -4.80
N PHE A 63 -16.77 -12.04 -5.81
CA PHE A 63 -16.94 -13.28 -6.56
C PHE A 63 -17.33 -14.48 -5.71
N ASN A 64 -18.04 -14.20 -4.62
CA ASN A 64 -18.51 -15.23 -3.71
C ASN A 64 -17.44 -16.13 -3.12
N GLN A 65 -16.28 -15.53 -2.89
CA GLN A 65 -15.18 -16.23 -2.27
C GLN A 65 -15.68 -16.46 -0.90
N PRO A 66 -15.51 -17.69 -0.39
CA PRO A 66 -16.14 -18.07 0.87
C PRO A 66 -15.77 -17.30 2.10
N MSE A 67 -14.60 -16.69 2.11
CA MSE A 67 -14.07 -15.99 3.27
C MSE A 67 -14.89 -14.80 3.69
O MSE A 67 -14.85 -14.39 4.84
CB MSE A 67 -12.63 -15.49 3.01
CG MSE A 67 -11.57 -16.55 2.71
SE MSE A 67 -11.50 -17.17 0.87
CE MSE A 67 -10.74 -15.61 0.04
N VAL A 68 -15.61 -14.19 2.73
CA VAL A 68 -16.46 -13.05 3.06
C VAL A 68 -17.58 -13.44 4.05
N LYS A 69 -18.20 -14.60 3.87
CA LYS A 69 -19.27 -15.02 4.77
C LYS A 69 -18.72 -15.77 5.96
N GLU A 70 -17.61 -16.49 5.77
CA GLU A 70 -17.06 -17.30 6.81
C GLU A 70 -16.27 -16.55 7.86
N ALA A 71 -15.67 -15.42 7.51
CA ALA A 71 -14.89 -14.68 8.52
C ALA A 71 -15.84 -13.92 9.44
N PRO A 72 -15.50 -13.84 10.75
CA PRO A 72 -16.31 -13.07 11.64
C PRO A 72 -16.29 -11.57 11.32
N VAL A 73 -15.17 -11.11 10.76
CA VAL A 73 -14.97 -9.70 10.39
C VAL A 73 -14.42 -9.59 8.96
N VAL A 74 -15.03 -8.67 8.21
CA VAL A 74 -14.62 -8.29 6.86
C VAL A 74 -14.36 -6.80 6.96
N LEU A 75 -13.14 -6.39 6.62
CA LEU A 75 -12.74 -5.00 6.69
C LEU A 75 -12.47 -4.49 5.32
N THR A 76 -13.21 -3.45 4.91
CA THR A 76 -13.02 -2.76 3.64
C THR A 76 -12.24 -1.49 3.92
N PHE A 77 -10.96 -1.49 3.53
CA PHE A 77 -10.07 -0.33 3.64
C PHE A 77 -10.30 0.62 2.45
N CYS A 78 -10.80 1.82 2.75
CA CYS A 78 -11.11 2.82 1.75
C CYS A 78 -10.21 4.06 1.76
N ALA A 79 -9.79 4.45 0.55
CA ALA A 79 -9.09 5.70 0.31
C ALA A 79 -10.16 6.74 0.66
N ASP A 80 -9.85 7.76 1.44
CA ASP A 80 -10.86 8.72 1.87
C ASP A 80 -10.27 10.11 1.96
N PHE A 81 -10.61 10.93 0.97
CA PHE A 81 -10.30 12.37 0.99
C PHE A 81 -11.54 13.17 1.41
N ARG A 82 -12.67 12.47 1.55
CA ARG A 82 -13.92 13.09 1.90
C ARG A 82 -13.89 13.71 3.29
N ARG A 83 -13.45 12.93 4.27
CA ARG A 83 -13.36 13.45 5.62
C ARG A 83 -12.49 14.71 5.65
N PHE A 84 -11.31 14.67 5.04
CA PHE A 84 -10.48 15.87 5.00
C PHE A 84 -11.14 17.04 4.26
N CYS A 85 -11.83 16.80 3.14
CA CYS A 85 -12.45 17.91 2.45
C CYS A 85 -13.58 18.50 3.23
N LYS A 86 -14.29 17.68 4.01
CA LYS A 86 -15.38 18.16 4.82
CA LYS A 86 -15.41 18.17 4.84
C LYS A 86 -14.75 19.05 5.90
N TYR A 87 -13.61 18.63 6.41
CA TYR A 87 -12.86 19.43 7.39
C TYR A 87 -12.47 20.78 6.77
N CYS A 88 -12.00 20.76 5.51
CA CYS A 88 -11.64 21.99 4.77
C CYS A 88 -12.85 22.92 4.69
N GLN A 89 -13.98 22.37 4.25
CA GLN A 89 -15.23 23.11 4.12
C GLN A 89 -15.70 23.75 5.42
N GLU A 90 -15.20 23.22 6.55
CA GLU A 90 -15.59 23.76 7.86
C GLU A 90 -14.52 24.67 8.44
N ARG A 91 -13.44 24.88 7.69
CA ARG A 91 -12.35 25.73 8.11
C ARG A 91 -11.92 26.73 7.01
N ASN A 92 -12.87 27.11 6.19
CA ASN A 92 -12.64 28.09 5.15
C ASN A 92 -11.44 27.78 4.26
N ALA A 93 -11.38 26.53 3.79
CA ALA A 93 -10.29 26.03 2.95
C ALA A 93 -10.88 25.44 1.68
N VAL A 94 -10.19 25.67 0.58
CA VAL A 94 -10.63 25.20 -0.71
C VAL A 94 -9.81 23.98 -1.07
N PRO A 95 -10.39 22.77 -0.90
CA PRO A 95 -9.67 21.55 -1.21
C PRO A 95 -9.56 21.28 -2.70
N GLY A 96 -8.43 20.71 -3.13
CA GLY A 96 -8.26 20.30 -4.53
C GLY A 96 -7.76 18.89 -4.65
N TYR A 97 -8.57 17.96 -4.12
CA TYR A 97 -8.22 16.55 -4.02
C TYR A 97 -9.06 15.59 -4.88
N GLY A 98 -9.84 16.15 -5.79
CA GLY A 98 -10.65 15.35 -6.69
C GLY A 98 -9.88 15.08 -7.95
N ASN A 99 -8.72 14.44 -7.76
CA ASN A 99 -7.82 14.15 -8.85
C ASN A 99 -7.06 12.83 -8.61
N LEU A 100 -6.48 12.30 -9.67
CA LEU A 100 -5.81 11.00 -9.61
C LEU A 100 -4.66 10.97 -8.62
N MSE A 101 -3.88 12.04 -8.60
CA MSE A 101 -2.74 12.14 -7.69
C MSE A 101 -3.16 11.94 -6.27
O MSE A 101 -2.52 11.21 -5.53
CB MSE A 101 -2.08 13.49 -7.80
CG MSE A 101 -0.84 13.67 -6.92
SE MSE A 101 0.70 12.43 -7.41
CE MSE A 101 2.00 13.27 -6.15
N SER A 102 -4.23 12.62 -5.89
CA SER A 102 -4.78 12.60 -4.54
C SER A 102 -5.35 11.24 -4.25
N PHE A 103 -6.00 10.63 -5.25
CA PHE A 103 -6.49 9.26 -5.10
C PHE A 103 -5.35 8.31 -4.83
N LEU A 104 -4.26 8.43 -5.56
CA LEU A 104 -3.12 7.57 -5.32
C LEU A 104 -2.50 7.83 -3.94
N ASN A 105 -2.43 9.09 -3.53
CA ASN A 105 -1.92 9.41 -2.20
C ASN A 105 -2.76 8.78 -1.11
N ALA A 106 -4.09 8.80 -1.27
CA ALA A 106 -5.02 8.26 -0.27
C ALA A 106 -4.89 6.75 -0.26
N ALA A 107 -4.83 6.15 -1.46
CA ALA A 107 -4.64 4.70 -1.64
C ALA A 107 -3.42 4.21 -0.87
N MSE A 108 -2.34 4.91 -1.04
CA MSE A 108 -1.13 4.55 -0.33
C MSE A 108 -1.31 4.63 1.13
O MSE A 108 -0.79 3.78 1.85
CB MSE A 108 0.04 5.42 -0.74
CG MSE A 108 0.43 5.20 -2.21
SE MSE A 108 2.13 6.05 -2.75
CE MSE A 108 1.64 7.91 -2.60
N ASP A 109 -1.99 5.67 1.61
CA ASP A 109 -2.20 5.81 3.05
C ASP A 109 -2.96 4.61 3.55
N THR A 110 -3.93 4.21 2.75
CA THR A 110 -4.83 3.14 3.06
C THR A 110 -4.21 1.76 3.07
N LEU A 111 -3.28 1.54 2.15
CA LEU A 111 -2.62 0.25 2.01
C LEU A 111 -1.62 0.08 3.15
N LEU A 112 -1.02 1.18 3.58
CA LEU A 112 -0.09 1.15 4.74
C LEU A 112 -0.79 0.74 6.01
N VAL A 113 -1.97 1.31 6.24
CA VAL A 113 -2.81 0.90 7.38
C VAL A 113 -3.22 -0.56 7.28
N ALA A 114 -3.74 -0.97 6.12
CA ALA A 114 -4.22 -2.30 5.94
C ALA A 114 -3.21 -3.33 6.23
N GLN A 115 -2.01 -3.12 5.74
CA GLN A 115 -0.91 -4.04 5.99
C GLN A 115 -0.36 -3.92 7.42
N THR A 116 -0.43 -2.76 8.05
CA THR A 116 -0.01 -2.64 9.45
C THR A 116 -1.02 -3.46 10.25
N PHE A 117 -2.29 -3.28 9.95
CA PHE A 117 -3.33 -4.07 10.60
C PHE A 117 -3.11 -5.56 10.42
N CYS A 118 -2.97 -6.03 9.18
CA CYS A 118 -2.76 -7.46 8.91
C CYS A 118 -1.59 -8.05 9.70
N THR A 119 -0.49 -7.32 9.78
CA THR A 119 0.66 -7.71 10.58
C THR A 119 0.40 -7.79 12.08
N LEU A 120 -0.35 -6.82 12.57
CA LEU A 120 -0.73 -6.78 13.98
C LEU A 120 -1.73 -7.89 14.28
N ALA A 121 -2.67 -8.10 13.36
CA ALA A 121 -3.68 -9.13 13.48
C ALA A 121 -3.01 -10.50 13.55
N GLU A 122 -2.10 -10.76 12.63
CA GLU A 122 -1.36 -12.02 12.65
C GLU A 122 -0.52 -12.19 13.91
N GLU A 123 0.05 -11.12 14.40
CA GLU A 123 0.82 -11.15 15.64
C GLU A 123 -0.12 -11.51 16.82
N ALA A 124 -1.38 -11.04 16.74
CA ALA A 124 -2.42 -11.36 17.73
C ALA A 124 -3.02 -12.77 17.52
N GLY A 125 -2.47 -13.57 16.63
CA GLY A 125 -2.98 -14.94 16.48
C GLY A 125 -4.12 -15.07 15.48
N LEU A 126 -4.46 -14.00 14.78
CA LEU A 126 -5.53 -14.10 13.77
C LEU A 126 -4.97 -14.45 12.38
N GLY A 127 -5.85 -14.84 11.47
CA GLY A 127 -5.47 -15.14 10.11
C GLY A 127 -6.23 -14.14 9.25
N ILE A 128 -5.58 -13.67 8.21
CA ILE A 128 -6.15 -12.70 7.31
C ILE A 128 -5.99 -13.19 5.86
N CYS A 129 -6.76 -12.57 4.98
CA CYS A 129 -6.72 -12.81 3.56
C CYS A 129 -7.18 -11.53 2.90
N TYR A 130 -6.40 -11.03 1.94
CA TYR A 130 -6.79 -9.86 1.20
C TYR A 130 -7.68 -10.35 0.09
N LEU A 131 -8.65 -9.55 -0.30
CA LEU A 131 -9.49 -9.84 -1.46
C LEU A 131 -9.12 -8.75 -2.52
N GLY A 132 -8.57 -9.27 -3.63
CA GLY A 132 -8.17 -8.46 -4.80
C GLY A 132 -9.37 -8.07 -5.63
N THR A 133 -10.47 -8.73 -5.32
CA THR A 133 -11.74 -8.47 -6.00
C THR A 133 -12.31 -7.07 -5.74
N THR A 134 -11.77 -6.39 -4.74
CA THR A 134 -12.21 -5.04 -4.38
C THR A 134 -12.09 -4.06 -5.52
N THR A 135 -11.02 -4.17 -6.30
CA THR A 135 -10.74 -3.31 -7.44
C THR A 135 -11.34 -3.90 -8.73
N TYR A 136 -11.92 -5.10 -8.68
CA TYR A 136 -12.70 -5.63 -9.85
C TYR A 136 -14.13 -5.12 -9.77
N ASN A 137 -14.64 -5.08 -8.53
CA ASN A 137 -16.03 -4.63 -8.30
C ASN A 137 -16.18 -3.48 -7.34
N PRO A 138 -15.43 -2.40 -7.57
CA PRO A 138 -15.53 -1.29 -6.64
C PRO A 138 -16.93 -0.68 -6.66
N GLN A 139 -17.58 -0.58 -7.80
CA GLN A 139 -18.91 0.01 -7.75
C GLN A 139 -19.85 -0.72 -6.79
N MSE A 140 -19.83 -2.04 -6.79
CA MSE A 140 -20.70 -2.86 -5.95
C MSE A 140 -20.39 -2.67 -4.49
O MSE A 140 -21.26 -2.70 -3.65
CB MSE A 140 -20.55 -4.33 -6.28
CG MSE A 140 -21.12 -4.73 -7.67
SE MSE A 140 -20.83 -6.62 -8.06
CE MSE A 140 -21.99 -7.37 -6.89
N ILE A 141 -19.13 -2.52 -4.19
CA ILE A 141 -18.70 -2.29 -2.79
C ILE A 141 -19.15 -0.87 -2.46
N ILE A 142 -18.99 0.07 -3.40
CA ILE A 142 -19.44 1.44 -3.15
C ILE A 142 -20.94 1.49 -2.82
N ASP A 143 -21.76 0.80 -3.62
CA ASP A 143 -23.16 0.76 -3.41
C ASP A 143 -23.45 0.04 -2.07
N ALA A 144 -22.76 -1.06 -1.81
CA ALA A 144 -23.04 -1.86 -0.61
C ALA A 144 -22.77 -1.12 0.68
N LEU A 145 -21.64 -0.42 0.72
CA LEU A 145 -21.19 0.26 1.93
C LEU A 145 -21.53 1.74 1.95
N HIS A 146 -22.25 2.18 0.91
CA HIS A 146 -22.64 3.57 0.83
C HIS A 146 -21.47 4.56 0.89
N LEU A 147 -20.44 4.27 0.11
CA LEU A 147 -19.24 5.09 0.05
C LEU A 147 -19.55 6.26 -0.87
N PRO A 148 -19.51 7.46 -0.32
CA PRO A 148 -19.82 8.64 -1.06
C PRO A 148 -18.62 9.20 -1.87
N GLU A 149 -18.77 10.38 -2.45
CA GLU A 149 -17.73 10.98 -3.24
C GLU A 149 -16.44 11.19 -2.41
N LEU A 150 -15.28 11.00 -3.07
CA LEU A 150 -13.95 11.07 -2.47
C LEU A 150 -13.63 9.92 -1.53
N VAL A 151 -14.41 8.83 -1.66
CA VAL A 151 -14.20 7.56 -0.93
C VAL A 151 -14.21 6.48 -1.98
N PHE A 152 -13.19 5.63 -1.93
CA PHE A 152 -13.00 4.60 -2.89
C PHE A 152 -12.45 3.35 -2.18
N PRO A 153 -13.06 2.17 -2.41
CA PRO A 153 -12.56 0.97 -1.75
C PRO A 153 -11.28 0.48 -2.40
N ILE A 154 -10.24 0.34 -1.58
CA ILE A 154 -8.91 -0.05 -2.05
C ILE A 154 -8.72 -1.55 -1.93
N THR A 155 -8.76 -2.06 -0.72
CA THR A 155 -8.71 -3.50 -0.53
C THR A 155 -9.61 -3.94 0.64
N THR A 156 -9.86 -5.25 0.71
CA THR A 156 -10.72 -5.86 1.70
C THR A 156 -9.97 -6.99 2.31
N VAL A 157 -10.07 -7.12 3.63
CA VAL A 157 -9.42 -8.15 4.37
C VAL A 157 -10.43 -8.89 5.22
N THR A 158 -10.47 -10.21 5.03
CA THR A 158 -11.27 -11.12 5.86
C THR A 158 -10.32 -11.53 7.01
N VAL A 159 -10.83 -11.45 8.23
CA VAL A 159 -10.07 -11.67 9.45
C VAL A 159 -10.83 -12.64 10.36
N GLY A 160 -10.08 -13.55 11.00
CA GLY A 160 -10.66 -14.49 11.93
C GLY A 160 -9.60 -15.27 12.60
N TYR A 161 -9.98 -16.09 13.58
CA TYR A 161 -9.04 -16.99 14.20
C TYR A 161 -8.90 -18.13 13.22
N PRO A 162 -7.66 -18.59 12.98
CA PRO A 162 -7.42 -19.60 11.95
C PRO A 162 -8.05 -20.95 12.18
N ALA A 163 -8.66 -21.53 11.14
CA ALA A 163 -9.22 -22.89 11.21
C ALA A 163 -8.54 -23.77 10.14
N GLU A 164 -7.31 -23.41 9.77
CA GLU A 164 -6.49 -24.19 8.85
C GLU A 164 -5.05 -23.88 9.12
N SER A 165 -4.20 -24.84 8.78
CA SER A 165 -2.76 -24.72 8.97
C SER A 165 -2.17 -25.11 7.64
N PRO A 166 -2.26 -24.20 6.66
CA PRO A 166 -1.78 -24.47 5.33
C PRO A 166 -0.26 -24.44 5.23
N LYS A 167 0.23 -25.05 4.16
CA LYS A 167 1.64 -25.08 3.89
C LYS A 167 1.91 -23.63 3.43
N GLN A 168 3.09 -23.13 3.75
CA GLN A 168 3.46 -21.79 3.36
C GLN A 168 3.76 -21.80 1.86
N VAL A 169 3.38 -20.75 1.15
CA VAL A 169 3.69 -20.71 -0.27
C VAL A 169 5.13 -20.15 -0.42
N ASP A 170 5.72 -20.40 -1.58
CA ASP A 170 7.06 -19.99 -1.85
C ASP A 170 7.14 -18.50 -2.21
N ARG A 171 8.37 -18.00 -2.15
CA ARG A 171 8.75 -16.70 -2.60
C ARG A 171 10.02 -16.86 -3.43
N LEU A 172 10.24 -15.90 -4.32
CA LEU A 172 11.42 -15.90 -5.16
C LEU A 172 12.66 -15.64 -4.33
N PRO A 173 13.82 -16.09 -4.84
CA PRO A 173 15.11 -15.76 -4.21
C PRO A 173 15.20 -14.23 -4.12
N ILE A 174 15.69 -13.69 -3.02
CA ILE A 174 15.69 -12.24 -2.86
C ILE A 174 16.55 -11.50 -3.87
N GLU A 175 17.54 -12.19 -4.43
CA GLU A 175 18.35 -11.66 -5.49
C GLU A 175 17.51 -11.37 -6.75
N GLY A 176 16.30 -11.91 -6.84
CA GLY A 176 15.43 -11.65 -7.97
C GLY A 176 14.51 -10.44 -7.76
N ILE A 177 14.56 -9.88 -6.55
CA ILE A 177 13.71 -8.76 -6.21
CA ILE A 177 13.69 -8.77 -6.19
C ILE A 177 14.50 -7.51 -5.93
N ILE A 178 15.58 -7.68 -5.21
CA ILE A 178 16.43 -6.62 -4.81
C ILE A 178 17.44 -6.26 -5.91
N HIS A 179 17.56 -4.95 -6.17
CA HIS A 179 18.50 -4.43 -7.14
C HIS A 179 19.43 -3.47 -6.41
N GLU A 180 20.74 -3.63 -6.57
CA GLU A 180 21.70 -2.73 -5.95
C GLU A 180 21.99 -1.50 -6.81
N GLU A 181 21.54 -0.34 -6.35
CA GLU A 181 21.76 1.00 -6.92
C GLU A 181 20.95 1.35 -8.17
N SER A 182 20.79 0.39 -9.05
CA SER A 182 19.98 0.55 -10.27
C SER A 182 19.32 -0.77 -10.59
N TYR A 183 18.30 -0.70 -11.41
CA TYR A 183 17.56 -1.88 -11.80
C TYR A 183 18.44 -2.72 -12.73
N HIS A 184 18.61 -3.98 -12.35
CA HIS A 184 19.39 -4.92 -13.14
C HIS A 184 18.36 -5.77 -13.86
N ASP A 185 18.25 -5.58 -15.17
CA ASP A 185 17.23 -6.27 -15.92
C ASP A 185 17.51 -7.76 -16.02
N TYR A 186 16.43 -8.53 -16.10
CA TYR A 186 16.49 -9.96 -16.09
C TYR A 186 16.73 -10.59 -17.46
N THR A 187 17.72 -11.46 -17.50
CA THR A 187 18.03 -12.24 -18.67
C THR A 187 17.19 -13.50 -18.54
N ALA A 188 17.08 -14.26 -19.62
CA ALA A 188 16.39 -15.55 -19.65
C ALA A 188 17.05 -16.50 -18.63
N GLU A 189 18.38 -16.43 -18.51
CA GLU A 189 19.10 -17.20 -17.54
C GLU A 189 18.66 -16.81 -16.12
N ASP A 190 18.54 -15.51 -15.85
CA ASP A 190 18.05 -15.02 -14.54
C ASP A 190 16.67 -15.57 -14.25
N ILE A 191 15.79 -15.43 -15.23
CA ILE A 191 14.42 -15.91 -15.10
C ILE A 191 14.33 -17.40 -14.79
N ASN A 192 15.06 -18.18 -15.54
CA ASN A 192 15.09 -19.62 -15.35
C ASN A 192 15.61 -20.02 -13.96
N ARG A 193 16.65 -19.33 -13.54
CA ARG A 193 17.26 -19.55 -12.24
C ARG A 193 16.29 -19.13 -11.13
N LEU A 194 15.67 -17.96 -11.26
CA LEU A 194 14.76 -17.47 -10.22
C LEU A 194 13.48 -18.31 -10.02
N TYR A 195 12.91 -18.77 -11.12
CA TYR A 195 11.65 -19.52 -11.13
C TYR A 195 11.73 -21.03 -11.10
N ALA A 196 12.95 -21.58 -11.16
CA ALA A 196 13.19 -23.02 -11.13
C ALA A 196 12.51 -23.71 -9.95
N TYR A 197 12.78 -23.23 -8.76
CA TYR A 197 12.20 -23.77 -7.54
C TYR A 197 10.68 -23.68 -7.57
N LYS A 198 10.16 -22.51 -7.89
CA LYS A 198 8.69 -22.35 -7.96
C LYS A 198 8.05 -23.38 -8.90
N GLU A 199 8.68 -23.61 -10.04
CA GLU A 199 8.15 -24.55 -11.05
C GLU A 199 8.23 -26.02 -10.68
N SER A 200 9.12 -26.34 -9.76
CA SER A 200 9.33 -27.69 -9.31
C SER A 200 8.30 -28.15 -8.28
N LEU A 201 7.60 -27.19 -7.69
CA LEU A 201 6.69 -27.45 -6.59
C LEU A 201 5.44 -28.16 -7.11
N PRO A 202 4.99 -29.22 -6.41
CA PRO A 202 3.78 -29.96 -6.85
C PRO A 202 2.50 -29.14 -7.04
N GLU A 203 2.26 -28.18 -6.16
CA GLU A 203 1.08 -27.28 -6.26
C GLU A 203 0.99 -26.60 -7.62
N ASN A 204 2.15 -26.11 -8.08
CA ASN A 204 2.26 -25.37 -9.32
C ASN A 204 2.13 -26.28 -10.51
N LYS A 205 2.73 -27.45 -10.43
CA LYS A 205 2.55 -28.46 -11.49
C LYS A 205 1.05 -28.83 -11.56
N LEU A 206 0.39 -28.94 -10.42
CA LEU A 206 -1.04 -29.25 -10.38
C LEU A 206 -1.84 -28.09 -10.95
N PHE A 207 -1.46 -26.87 -10.59
CA PHE A 207 -2.12 -25.66 -11.09
C PHE A 207 -2.09 -25.61 -12.62
N ILE A 208 -0.96 -25.96 -13.21
CA ILE A 208 -0.81 -26.00 -14.69
C ILE A 208 -1.67 -27.10 -15.31
N GLU A 209 -1.61 -28.27 -14.70
CA GLU A 209 -2.32 -29.43 -15.21
C GLU A 209 -3.84 -29.21 -15.15
N GLU A 210 -4.33 -28.78 -13.99
CA GLU A 210 -5.75 -28.59 -13.80
C GLU A 210 -6.30 -27.40 -14.59
N ASN A 211 -5.41 -26.62 -15.22
CA ASN A 211 -5.81 -25.49 -16.06
C ASN A 211 -5.56 -25.70 -17.55
N GLN A 212 -5.14 -26.91 -17.92
CA GLN A 212 -4.90 -27.31 -19.30
C GLN A 212 -3.79 -26.52 -19.98
N LYS A 213 -2.80 -26.10 -19.22
CA LYS A 213 -1.71 -25.26 -19.74
C LYS A 213 -0.43 -26.06 -19.75
N GLU A 214 0.60 -25.51 -20.37
CA GLU A 214 1.89 -26.17 -20.44
C GLU A 214 2.85 -25.55 -19.46
N THR A 215 2.70 -24.26 -19.21
CA THR A 215 3.59 -23.54 -18.27
C THR A 215 2.80 -22.75 -17.23
N LEU A 216 3.47 -22.46 -16.13
CA LEU A 216 2.86 -21.74 -15.05
C LEU A 216 2.34 -20.33 -15.45
N PRO A 217 3.18 -19.49 -16.09
CA PRO A 217 2.71 -18.20 -16.54
C PRO A 217 1.48 -18.23 -17.42
N GLN A 218 1.27 -19.28 -18.20
CA GLN A 218 0.07 -19.38 -19.02
C GLN A 218 -1.18 -19.41 -18.16
N VAL A 219 -1.10 -19.98 -16.96
CA VAL A 219 -2.28 -20.04 -16.11
C VAL A 219 -2.63 -18.60 -15.73
N PHE A 220 -1.61 -17.82 -15.43
CA PHE A 220 -1.86 -16.43 -15.09
C PHE A 220 -2.34 -15.54 -16.22
N THR A 221 -1.73 -15.68 -17.39
CA THR A 221 -2.05 -14.84 -18.54
C THR A 221 -3.32 -15.29 -19.24
N ASP A 222 -3.58 -16.59 -19.26
CA ASP A 222 -4.75 -17.12 -19.96
C ASP A 222 -6.02 -17.28 -19.14
N VAL A 223 -5.85 -17.47 -17.83
CA VAL A 223 -6.99 -17.80 -16.96
C VAL A 223 -7.20 -16.79 -15.81
N ARG A 224 -6.19 -16.59 -14.99
CA ARG A 224 -6.34 -15.77 -13.79
C ARG A 224 -6.40 -14.26 -14.04
N TYR A 225 -5.43 -13.72 -14.77
CA TYR A 225 -5.33 -12.29 -14.92
C TYR A 225 -5.05 -12.03 -16.35
N THR A 226 -6.13 -12.13 -17.13
CA THR A 226 -6.08 -12.03 -18.57
C THR A 226 -6.00 -10.61 -19.08
N LYS A 227 -5.49 -10.50 -20.30
CA LYS A 227 -5.33 -9.23 -20.99
C LYS A 227 -6.67 -8.54 -21.11
N LYS A 228 -7.66 -9.29 -21.66
CA LYS A 228 -9.01 -8.78 -21.82
C LYS A 228 -9.61 -8.28 -20.53
N ASP A 229 -9.54 -9.07 -19.47
CA ASP A 229 -10.05 -8.64 -18.17
C ASP A 229 -9.35 -7.46 -17.63
N ASN A 230 -8.02 -7.46 -17.71
CA ASN A 230 -7.19 -6.36 -17.22
C ASN A 230 -7.52 -5.02 -17.86
N GLU A 231 -7.76 -5.04 -19.16
CA GLU A 231 -8.11 -3.86 -19.91
C GLU A 231 -9.52 -3.38 -19.54
N PHE A 232 -10.46 -4.31 -19.46
CA PHE A 232 -11.81 -3.99 -19.07
C PHE A 232 -11.82 -3.35 -17.67
N MSE A 233 -11.10 -3.98 -16.77
CA MSE A 233 -10.97 -3.50 -15.39
C MSE A 233 -10.27 -2.16 -15.25
O MSE A 233 -10.50 -1.41 -14.29
CB MSE A 233 -10.23 -4.50 -14.51
CG MSE A 233 -10.97 -5.76 -14.04
SE MSE A 233 -12.89 -5.66 -13.88
CE MSE A 233 -13.34 -7.05 -15.29
N SER A 234 -9.34 -1.91 -16.17
CA SER A 234 -8.61 -0.64 -16.21
C SER A 234 -9.58 0.48 -16.57
N GLU A 235 -10.42 0.17 -17.54
CA GLU A 235 -11.43 1.09 -17.95
C GLU A 235 -12.47 1.27 -16.87
N ASN A 236 -12.88 0.16 -16.26
CA ASN A 236 -13.86 0.21 -15.17
C ASN A 236 -13.31 1.10 -14.01
N LEU A 237 -12.03 0.99 -13.75
CA LEU A 237 -11.39 1.74 -12.69
C LEU A 237 -11.49 3.23 -12.95
N LEU A 238 -11.28 3.63 -14.20
CA LEU A 238 -11.35 5.04 -14.58
C LEU A 238 -12.77 5.51 -14.41
N LYS A 239 -13.74 4.73 -14.86
CA LYS A 239 -15.13 5.05 -14.69
C LYS A 239 -15.54 5.25 -13.22
N VAL A 240 -15.11 4.35 -12.35
CA VAL A 240 -15.50 4.42 -10.95
C VAL A 240 -14.76 5.54 -10.25
N LEU A 241 -13.51 5.77 -10.62
CA LEU A 241 -12.75 6.87 -10.03
C LEU A 241 -13.44 8.19 -10.39
N ARG A 242 -13.95 8.28 -11.62
CA ARG A 242 -14.64 9.47 -12.10
C ARG A 242 -15.92 9.70 -11.25
N ARG A 243 -16.68 8.62 -11.11
CA ARG A 243 -17.95 8.60 -10.41
C ARG A 243 -17.72 9.02 -8.97
N GLN A 244 -16.59 8.63 -8.41
CA GLN A 244 -16.25 8.99 -7.02
C GLN A 244 -15.51 10.31 -6.84
N GLY A 245 -15.39 11.04 -7.93
CA GLY A 245 -14.77 12.34 -7.98
C GLY A 245 -13.27 12.40 -7.88
N PHE A 246 -12.59 11.31 -8.21
CA PHE A 246 -11.13 11.33 -8.18
C PHE A 246 -10.55 11.63 -9.55
N MSE A 247 -11.41 11.98 -10.46
CA MSE A 247 -11.02 12.52 -11.74
C MSE A 247 -12.23 13.02 -12.47
O MSE A 247 -13.36 12.69 -12.11
CB MSE A 247 -10.27 11.53 -12.59
CG MSE A 247 -10.77 10.15 -12.57
SE MSE A 247 -9.32 9.18 -13.41
CE MSE A 247 -9.85 9.60 -15.33
N ASP A 248 -11.97 13.87 -13.45
CA ASP A 248 -13.04 14.46 -14.23
C ASP A 248 -13.51 13.52 -15.36
N MSE B 3 3.26 -4.47 18.35
CA MSE B 3 2.08 -3.72 18.92
C MSE B 3 2.60 -2.54 19.77
O MSE B 3 2.17 -1.42 19.56
CB MSE B 3 1.18 -4.66 19.73
CG MSE B 3 -0.19 -4.12 20.21
SE MSE B 3 -1.80 -4.08 18.97
CE MSE B 3 -3.14 -4.14 20.28
N ASP B 4 3.51 -2.77 20.69
CA ASP B 4 4.15 -1.65 21.41
C ASP B 4 4.98 -0.82 20.46
N THR B 5 5.65 -1.47 19.53
CA THR B 5 6.47 -0.78 18.56
C THR B 5 5.59 0.05 17.64
N VAL B 6 4.50 -0.53 17.16
CA VAL B 6 3.58 0.24 16.30
C VAL B 6 2.88 1.35 17.09
N LYS B 7 2.37 1.05 18.28
CA LYS B 7 1.67 2.05 19.11
C LYS B 7 2.56 3.25 19.34
N ASN B 8 3.84 2.99 19.52
CA ASN B 8 4.79 4.02 19.85
C ASN B 8 5.59 4.50 18.66
N ARG B 9 5.24 4.09 17.44
CA ARG B 9 6.12 4.43 16.32
C ARG B 9 6.04 5.90 15.96
N ARG B 10 7.14 6.38 15.37
CA ARG B 10 7.17 7.70 14.80
C ARG B 10 8.14 7.69 13.65
N THR B 11 7.89 8.58 12.70
CA THR B 11 8.79 8.70 11.55
CA THR B 11 8.77 8.72 11.54
C THR B 11 10.07 9.34 12.04
N ILE B 12 11.19 8.77 11.57
CA ILE B 12 12.52 9.26 11.97
C ILE B 12 13.17 9.79 10.70
N ARG B 13 13.71 11.01 10.82
CA ARG B 13 14.31 11.75 9.73
C ARG B 13 15.77 12.09 9.96
N LYS B 14 16.27 11.85 11.18
CA LYS B 14 17.66 12.10 11.53
C LYS B 14 18.26 10.77 11.91
N TYR B 15 19.40 10.45 11.30
CA TYR B 15 19.98 9.13 11.46
C TYR B 15 21.41 9.18 11.95
N GLN B 16 21.80 8.11 12.62
CA GLN B 16 23.16 7.97 13.11
C GLN B 16 24.09 7.63 11.94
N GLN B 17 25.39 7.67 12.23
CA GLN B 17 26.41 7.27 11.27
C GLN B 17 26.46 5.75 11.10
N LYS B 18 25.92 5.01 12.08
CA LYS B 18 25.91 3.55 12.04
C LYS B 18 25.29 3.07 10.70
N ASP B 19 25.98 2.18 9.99
CA ASP B 19 25.45 1.66 8.74
C ASP B 19 24.50 0.50 9.06
N ILE B 20 23.67 0.11 8.10
CA ILE B 20 22.80 -1.02 8.25
C ILE B 20 23.54 -2.14 7.51
N THR B 21 23.94 -3.18 8.24
CA THR B 21 24.68 -4.29 7.62
C THR B 21 23.85 -4.89 6.50
N PRO B 22 24.51 -5.38 5.44
CA PRO B 22 23.75 -6.04 4.39
C PRO B 22 22.86 -7.20 4.91
N ASP B 23 23.37 -7.95 5.89
CA ASP B 23 22.63 -9.07 6.49
C ASP B 23 21.33 -8.60 7.11
N LEU B 24 21.39 -7.57 7.95
CA LEU B 24 20.21 -7.02 8.56
C LEU B 24 19.25 -6.53 7.50
N LEU B 25 19.74 -5.69 6.60
CA LEU B 25 18.87 -5.16 5.54
C LEU B 25 18.25 -6.26 4.70
N ASN B 26 19.04 -7.25 4.31
CA ASN B 26 18.47 -8.33 3.50
C ASN B 26 17.47 -9.25 4.25
N ASP B 27 17.72 -9.43 5.54
CA ASP B 27 16.83 -10.19 6.42
C ASP B 27 15.49 -9.46 6.50
N LEU B 28 15.54 -8.16 6.77
CA LEU B 28 14.32 -7.33 6.75
C LEU B 28 13.55 -7.37 5.43
N LEU B 29 14.24 -7.15 4.33
CA LEU B 29 13.63 -7.20 3.02
C LEU B 29 13.07 -8.58 2.74
N GLU B 30 13.91 -9.61 2.87
CA GLU B 30 13.48 -10.96 2.61
C GLU B 30 12.18 -11.29 3.36
N THR B 31 12.11 -10.92 4.62
CA THR B 31 10.92 -11.19 5.43
CA THR B 31 10.94 -11.15 5.47
C THR B 31 9.77 -10.33 4.98
N SER B 32 10.05 -9.05 4.64
CA SER B 32 8.98 -8.16 4.14
C SER B 32 8.33 -8.75 2.89
N PHE B 33 9.10 -9.54 2.15
CA PHE B 33 8.60 -10.20 0.91
C PHE B 33 7.58 -11.31 1.20
N ARG B 34 7.44 -11.66 2.48
CA ARG B 34 6.43 -12.59 2.94
C ARG B 34 5.04 -11.98 3.00
N ALA B 35 4.91 -10.67 2.83
CA ALA B 35 3.65 -9.99 2.82
C ALA B 35 2.83 -10.61 1.72
N SER B 36 1.50 -10.55 1.82
CA SER B 36 0.59 -11.03 0.77
C SER B 36 0.91 -10.42 -0.56
N THR B 37 0.64 -11.19 -1.62
CA THR B 37 0.98 -10.76 -2.93
C THR B 37 0.00 -11.35 -3.91
N MSE B 38 -0.57 -10.50 -4.73
CA MSE B 38 -1.53 -10.97 -5.70
C MSE B 38 -1.00 -12.17 -6.45
O MSE B 38 0.03 -12.12 -7.10
CB MSE B 38 -1.85 -9.89 -6.69
CG MSE B 38 -3.05 -10.24 -7.52
SE MSE B 38 -3.47 -8.94 -8.81
CE MSE B 38 -2.38 -9.55 -10.37
N GLY B 39 -1.72 -13.28 -6.32
CA GLY B 39 -1.41 -14.50 -7.02
C GLY B 39 -0.06 -15.09 -6.66
N GLY B 40 0.53 -14.66 -5.57
CA GLY B 40 1.89 -15.09 -5.19
C GLY B 40 2.93 -14.57 -6.17
N MSE B 41 2.60 -13.49 -6.87
CA MSE B 41 3.42 -13.04 -8.00
C MSE B 41 4.57 -12.16 -7.69
O MSE B 41 5.48 -12.11 -8.47
CB MSE B 41 2.54 -12.36 -9.06
CG MSE B 41 1.46 -13.25 -9.63
SE MSE B 41 0.14 -12.27 -10.62
CE MSE B 41 0.89 -12.27 -12.28
N GLN B 42 4.53 -11.51 -6.52
CA GLN B 42 5.51 -10.54 -6.11
C GLN B 42 5.77 -9.49 -7.19
N LEU B 43 4.81 -8.58 -7.35
CA LEU B 43 4.83 -7.59 -8.42
C LEU B 43 5.59 -6.34 -8.03
N TYR B 44 6.80 -6.52 -7.54
CA TYR B 44 7.65 -5.45 -7.04
C TYR B 44 9.15 -5.71 -7.16
N SER B 45 9.90 -4.64 -7.11
CA SER B 45 11.35 -4.70 -7.01
C SER B 45 11.73 -3.60 -6.01
N VAL B 46 12.84 -3.78 -5.33
CA VAL B 46 13.34 -2.80 -4.40
C VAL B 46 14.75 -2.48 -4.86
N VAL B 47 15.00 -1.20 -5.14
CA VAL B 47 16.33 -0.75 -5.49
C VAL B 47 16.93 -0.24 -4.18
N VAL B 48 18.11 -0.70 -3.84
CA VAL B 48 18.75 -0.31 -2.60
C VAL B 48 19.87 0.66 -2.98
N THR B 49 19.78 1.86 -2.44
CA THR B 49 20.74 2.93 -2.64
C THR B 49 21.49 3.18 -1.35
N ARG B 50 22.78 2.88 -1.37
CA ARG B 50 23.73 3.10 -0.27
C ARG B 50 24.84 4.09 -0.65
N ASP B 51 25.17 4.14 -1.93
CA ASP B 51 26.31 4.92 -2.39
C ASP B 51 26.01 6.41 -2.32
N ALA B 52 26.95 7.15 -1.72
CA ALA B 52 26.87 8.59 -1.51
C ALA B 52 26.57 9.34 -2.79
N GLU B 53 27.30 9.03 -3.86
CA GLU B 53 27.08 9.63 -5.17
C GLU B 53 25.71 9.36 -5.75
N LYS B 54 25.20 8.16 -5.47
CA LYS B 54 23.86 7.79 -5.96
C LYS B 54 22.73 8.53 -5.21
N LYS B 55 22.91 8.67 -3.92
CA LYS B 55 22.00 9.44 -3.08
C LYS B 55 22.03 10.91 -3.56
N GLU B 56 23.23 11.44 -3.82
CA GLU B 56 23.41 12.79 -4.37
C GLU B 56 22.52 13.05 -5.56
N ILE B 57 22.46 12.06 -6.45
CA ILE B 57 21.61 12.10 -7.65
C ILE B 57 20.12 11.96 -7.38
N LEU B 58 19.72 11.14 -6.41
CA LEU B 58 18.29 10.96 -6.09
C LEU B 58 17.70 12.08 -5.30
N SER B 59 18.55 12.74 -4.52
CA SER B 59 18.11 13.77 -3.61
C SER B 59 17.25 14.87 -4.25
N PRO B 60 17.62 15.41 -5.44
CA PRO B 60 16.77 16.44 -6.07
C PRO B 60 15.40 15.93 -6.49
N ALA B 61 15.33 14.64 -6.80
CA ALA B 61 14.08 13.98 -7.13
C ALA B 61 13.16 14.04 -5.92
N HIS B 62 13.75 14.05 -4.74
CA HIS B 62 12.96 14.12 -3.53
C HIS B 62 12.99 15.48 -2.88
N PHE B 63 13.08 16.52 -3.72
CA PHE B 63 13.10 17.91 -3.30
C PHE B 63 14.17 18.20 -2.28
N ASN B 64 15.29 17.47 -2.41
CA ASN B 64 16.47 17.67 -1.58
C ASN B 64 16.21 17.45 -0.08
N GLN B 65 15.25 16.61 0.24
CA GLN B 65 15.02 16.27 1.64
C GLN B 65 16.33 15.67 2.17
N PRO B 66 16.82 16.17 3.32
CA PRO B 66 18.11 15.72 3.80
C PRO B 66 18.20 14.23 4.10
N MSE B 67 17.06 13.56 4.27
CA MSE B 67 17.05 12.14 4.60
C MSE B 67 17.72 11.30 3.54
O MSE B 67 18.31 10.27 3.86
CB MSE B 67 15.61 11.63 4.73
CG MSE B 67 14.81 12.17 5.91
SE MSE B 67 14.09 13.96 5.76
CE MSE B 67 12.47 13.55 4.72
N VAL B 68 17.55 11.68 2.28
CA VAL B 68 18.10 10.92 1.17
C VAL B 68 19.62 10.75 1.30
N LYS B 69 20.32 11.85 1.57
CA LYS B 69 21.77 11.82 1.69
C LYS B 69 22.22 11.41 3.08
N GLU B 70 21.42 11.69 4.10
CA GLU B 70 21.85 11.37 5.47
C GLU B 70 21.54 9.94 5.92
N ALA B 71 20.60 9.25 5.27
CA ALA B 71 20.27 7.90 5.67
C ALA B 71 21.33 6.95 5.12
N PRO B 72 21.73 5.93 5.92
CA PRO B 72 22.70 4.99 5.38
C PRO B 72 22.11 4.24 4.18
N VAL B 73 20.80 4.02 4.21
CA VAL B 73 20.11 3.28 3.15
C VAL B 73 18.84 3.97 2.67
N VAL B 74 18.65 3.95 1.36
CA VAL B 74 17.46 4.53 0.75
C VAL B 74 16.89 3.45 -0.15
N LEU B 75 15.64 3.10 0.07
CA LEU B 75 14.98 2.04 -0.69
C LEU B 75 13.90 2.66 -1.51
N THR B 76 13.93 2.33 -2.79
CA THR B 76 12.90 2.71 -3.74
C THR B 76 12.14 1.43 -4.04
N PHE B 77 10.91 1.38 -3.57
CA PHE B 77 10.03 0.25 -3.75
C PHE B 77 9.28 0.53 -5.03
N CYS B 78 9.39 -0.39 -5.96
CA CYS B 78 8.84 -0.20 -7.30
C CYS B 78 7.80 -1.24 -7.66
N ALA B 79 6.71 -0.79 -8.24
CA ALA B 79 5.75 -1.68 -8.86
C ALA B 79 6.54 -2.33 -10.00
N ASP B 80 6.41 -3.63 -10.18
CA ASP B 80 7.20 -4.31 -11.18
C ASP B 80 6.46 -5.47 -11.76
N PHE B 81 5.92 -5.26 -12.96
CA PHE B 81 5.37 -6.34 -13.73
C PHE B 81 6.35 -6.82 -14.80
N ARG B 82 7.52 -6.20 -14.87
CA ARG B 82 8.50 -6.53 -15.89
C ARG B 82 9.04 -7.92 -15.71
N ARG B 83 9.42 -8.24 -14.48
CA ARG B 83 9.96 -9.54 -14.18
C ARG B 83 8.92 -10.66 -14.54
N PHE B 84 7.67 -10.52 -14.10
CA PHE B 84 6.69 -11.49 -14.45
C PHE B 84 6.48 -11.58 -15.95
N CYS B 85 6.49 -10.46 -16.66
CA CYS B 85 6.34 -10.49 -18.12
C CYS B 85 7.51 -11.18 -18.80
N LYS B 86 8.73 -10.98 -18.28
CA LYS B 86 9.91 -11.66 -18.82
C LYS B 86 9.72 -13.17 -18.63
N TYR B 87 9.29 -13.55 -17.43
CA TYR B 87 8.96 -14.96 -17.13
C TYR B 87 7.97 -15.50 -18.12
N CYS B 88 6.90 -14.74 -18.39
CA CYS B 88 5.90 -15.13 -19.39
C CYS B 88 6.53 -15.36 -20.77
N GLN B 89 7.45 -14.48 -21.12
CA GLN B 89 8.11 -14.51 -22.41
C GLN B 89 9.02 -15.69 -22.56
N GLU B 90 9.52 -16.19 -21.43
CA GLU B 90 10.35 -17.37 -21.41
C GLU B 90 9.52 -18.63 -21.24
N ARG B 91 8.18 -18.51 -21.16
CA ARG B 91 7.32 -19.65 -20.99
C ARG B 91 6.15 -19.68 -21.96
N ASN B 92 6.34 -19.13 -23.14
CA ASN B 92 5.28 -19.17 -24.16
C ASN B 92 3.90 -18.69 -23.67
N ALA B 93 3.93 -17.59 -22.92
CA ALA B 93 2.74 -16.94 -22.38
C ALA B 93 2.68 -15.48 -22.85
N VAL B 94 1.50 -15.06 -23.29
CA VAL B 94 1.30 -13.68 -23.73
C VAL B 94 0.77 -12.81 -22.57
N PRO B 95 1.60 -11.94 -22.00
CA PRO B 95 1.14 -11.16 -20.88
C PRO B 95 0.32 -9.96 -21.33
N GLY B 96 -0.67 -9.62 -20.55
CA GLY B 96 -1.50 -8.46 -20.82
C GLY B 96 -1.53 -7.57 -19.61
N TYR B 97 -0.38 -7.09 -19.19
CA TYR B 97 -0.26 -6.31 -17.95
C TYR B 97 0.20 -4.84 -18.12
N GLY B 98 0.18 -4.34 -19.33
CA GLY B 98 0.56 -2.94 -19.56
C GLY B 98 -0.69 -2.08 -19.48
N ASN B 99 -1.24 -1.98 -18.28
CA ASN B 99 -2.51 -1.28 -18.14
C ASN B 99 -2.65 -0.83 -16.73
N LEU B 100 -3.55 0.11 -16.49
CA LEU B 100 -3.70 0.74 -15.14
C LEU B 100 -4.06 -0.23 -14.03
N MSE B 101 -4.92 -1.19 -14.34
CA MSE B 101 -5.32 -2.19 -13.36
C MSE B 101 -4.07 -2.95 -12.84
O MSE B 101 -3.91 -3.17 -11.63
CB MSE B 101 -6.32 -3.14 -14.00
CG MSE B 101 -6.90 -4.16 -13.07
SE MSE B 101 -8.01 -3.41 -11.65
CE MSE B 101 -8.52 -5.21 -10.84
N SER B 102 -3.19 -3.35 -13.75
CA SER B 102 -1.95 -4.07 -13.42
C SER B 102 -1.02 -3.18 -12.64
N PHE B 103 -0.96 -1.92 -13.03
CA PHE B 103 -0.19 -0.97 -12.27
C PHE B 103 -0.68 -0.95 -10.84
N LEU B 104 -2.00 -0.74 -10.66
CA LEU B 104 -2.59 -0.67 -9.32
C LEU B 104 -2.34 -1.96 -8.55
N ASN B 105 -2.52 -3.10 -9.20
CA ASN B 105 -2.24 -4.40 -8.60
C ASN B 105 -0.81 -4.47 -8.12
N ALA B 106 0.13 -4.09 -8.97
CA ALA B 106 1.54 -4.13 -8.60
C ALA B 106 1.86 -3.14 -7.50
N ALA B 107 1.24 -1.96 -7.56
CA ALA B 107 1.41 -0.90 -6.57
C ALA B 107 0.99 -1.35 -5.18
N MSE B 108 -0.14 -2.04 -5.09
CA MSE B 108 -0.65 -2.61 -3.81
C MSE B 108 0.33 -3.64 -3.26
O MSE B 108 0.76 -3.52 -2.13
CB MSE B 108 -2.03 -3.22 -4.05
CG MSE B 108 -3.04 -2.17 -4.36
SE MSE B 108 -4.89 -2.87 -4.27
CE MSE B 108 -4.90 -4.12 -5.80
N ASP B 109 0.76 -4.57 -4.10
CA ASP B 109 1.81 -5.53 -3.76
C ASP B 109 3.02 -4.78 -3.19
N THR B 110 3.44 -3.73 -3.88
CA THR B 110 4.62 -2.97 -3.48
C THR B 110 4.47 -2.29 -2.14
N LEU B 111 3.32 -1.64 -1.92
CA LEU B 111 3.06 -0.94 -0.66
C LEU B 111 3.01 -1.85 0.56
N LEU B 112 2.44 -3.02 0.35
CA LEU B 112 2.35 -4.08 1.38
C LEU B 112 3.74 -4.45 1.79
N VAL B 113 4.65 -4.58 0.82
CA VAL B 113 6.03 -4.92 1.13
C VAL B 113 6.67 -3.77 1.86
N ALA B 114 6.53 -2.58 1.30
CA ALA B 114 7.13 -1.42 1.92
C ALA B 114 6.76 -1.26 3.39
N GLN B 115 5.47 -1.39 3.67
CA GLN B 115 5.00 -1.21 5.06
C GLN B 115 5.45 -2.31 5.99
N THR B 116 5.44 -3.56 5.51
CA THR B 116 5.94 -4.71 6.30
C THR B 116 7.40 -4.47 6.60
N PHE B 117 8.15 -3.99 5.59
CA PHE B 117 9.56 -3.67 5.82
C PHE B 117 9.72 -2.64 6.93
N CYS B 118 8.92 -1.61 6.85
CA CYS B 118 9.00 -0.50 7.77
C CYS B 118 8.70 -0.93 9.19
N THR B 119 7.71 -1.81 9.31
CA THR B 119 7.27 -2.35 10.59
C THR B 119 8.37 -3.20 11.15
N LEU B 120 8.97 -4.03 10.30
CA LEU B 120 10.08 -4.88 10.73
C LEU B 120 11.34 -4.06 11.05
N ALA B 121 11.65 -3.05 10.21
CA ALA B 121 12.79 -2.14 10.44
C ALA B 121 12.67 -1.46 11.80
N GLU B 122 11.47 -0.94 12.09
CA GLU B 122 11.20 -0.30 13.38
C GLU B 122 11.31 -1.30 14.52
N GLU B 123 10.76 -2.50 14.36
CA GLU B 123 10.91 -3.53 15.40
CA GLU B 123 10.92 -3.54 15.39
C GLU B 123 12.41 -3.77 15.65
N ALA B 124 13.23 -3.68 14.60
CA ALA B 124 14.70 -3.84 14.74
C ALA B 124 15.48 -2.61 15.32
N GLY B 125 14.81 -1.53 15.70
CA GLY B 125 15.50 -0.38 16.26
C GLY B 125 15.92 0.65 15.22
N LEU B 126 15.41 0.52 14.00
CA LEU B 126 15.69 1.47 12.94
C LEU B 126 14.58 2.51 12.82
N GLY B 127 14.94 3.65 12.23
CA GLY B 127 14.01 4.75 12.00
C GLY B 127 13.73 4.75 10.52
N ILE B 128 12.50 5.07 10.15
CA ILE B 128 12.20 5.08 8.74
C ILE B 128 11.47 6.35 8.41
N CYS B 129 11.53 6.72 7.13
CA CYS B 129 10.73 7.82 6.63
C CYS B 129 10.36 7.56 5.19
N TYR B 130 9.08 7.56 4.92
CA TYR B 130 8.56 7.54 3.55
C TYR B 130 8.73 8.91 2.96
N LEU B 131 9.04 8.92 1.67
CA LEU B 131 9.16 10.12 0.86
C LEU B 131 8.07 10.03 -0.23
N GLY B 132 7.09 10.93 -0.09
CA GLY B 132 5.95 11.03 -0.99
C GLY B 132 6.32 11.71 -2.29
N THR B 133 7.48 12.32 -2.27
CA THR B 133 8.05 12.95 -3.42
C THR B 133 8.29 11.93 -4.57
N THR B 134 8.20 10.62 -4.25
CA THR B 134 8.40 9.55 -5.20
C THR B 134 7.46 9.68 -6.40
N THR B 135 6.20 9.97 -6.13
CA THR B 135 5.19 10.14 -7.16
C THR B 135 5.04 11.59 -7.66
N TYR B 136 5.86 12.51 -7.15
CA TYR B 136 5.96 13.87 -7.69
C TYR B 136 6.96 13.86 -8.86
N ASN B 137 8.09 13.19 -8.62
CA ASN B 137 9.19 13.09 -9.59
C ASN B 137 9.54 11.68 -10.02
N PRO B 138 8.54 10.92 -10.47
CA PRO B 138 8.81 9.58 -10.87
C PRO B 138 9.77 9.48 -12.04
N GLN B 139 9.68 10.37 -13.04
CA GLN B 139 10.61 10.34 -14.14
C GLN B 139 12.07 10.56 -13.67
N MSE B 140 12.29 11.44 -12.71
CA MSE B 140 13.66 11.59 -12.24
C MSE B 140 14.17 10.36 -11.58
O MSE B 140 15.34 10.04 -11.70
CB MSE B 140 13.78 12.76 -11.30
CG MSE B 140 13.59 14.06 -12.04
SE MSE B 140 13.53 15.49 -10.79
CE MSE B 140 15.38 15.63 -10.31
N ILE B 141 13.30 9.65 -10.87
CA ILE B 141 13.68 8.38 -10.21
C ILE B 141 13.85 7.25 -11.24
N ILE B 142 12.95 7.19 -12.21
CA ILE B 142 13.09 6.22 -13.28
C ILE B 142 14.48 6.40 -13.94
N ASP B 143 14.84 7.65 -14.23
CA ASP B 143 16.11 7.95 -14.88
C ASP B 143 17.31 7.65 -14.00
N ALA B 144 17.25 8.01 -12.73
CA ALA B 144 18.34 7.80 -11.80
C ALA B 144 18.61 6.32 -11.61
N LEU B 145 17.55 5.54 -11.42
CA LEU B 145 17.64 4.11 -11.14
C LEU B 145 17.48 3.21 -12.37
N HIS B 146 17.36 3.80 -13.55
CA HIS B 146 17.26 3.03 -14.79
C HIS B 146 16.14 1.98 -14.75
N LEU B 147 14.95 2.44 -14.34
CA LEU B 147 13.78 1.62 -14.24
C LEU B 147 13.25 1.49 -15.64
N PRO B 148 13.17 0.25 -16.16
CA PRO B 148 12.67 0.09 -17.51
C PRO B 148 11.15 -0.08 -17.57
N GLU B 149 10.64 -0.33 -18.76
CA GLU B 149 9.22 -0.52 -18.96
C GLU B 149 8.61 -1.61 -18.05
N LEU B 150 7.42 -1.32 -17.54
CA LEU B 150 6.65 -2.14 -16.60
C LEU B 150 7.23 -2.06 -15.16
N VAL B 151 8.01 -1.03 -14.93
CA VAL B 151 8.59 -0.78 -13.61
C VAL B 151 8.30 0.68 -13.26
N PHE B 152 7.79 0.93 -12.05
CA PHE B 152 7.37 2.28 -11.66
C PHE B 152 7.65 2.45 -10.18
N PRO B 153 8.29 3.58 -9.80
CA PRO B 153 8.60 3.77 -8.38
C PRO B 153 7.32 4.21 -7.68
N ILE B 154 7.00 3.53 -6.59
CA ILE B 154 5.75 3.78 -5.86
C ILE B 154 6.07 4.58 -4.64
N THR B 155 7.06 4.14 -3.91
CA THR B 155 7.45 4.90 -2.73
C THR B 155 8.92 4.60 -2.47
N THR B 156 9.49 5.50 -1.65
CA THR B 156 10.88 5.53 -1.24
C THR B 156 10.94 5.67 0.26
N VAL B 157 11.76 4.84 0.88
CA VAL B 157 11.91 4.86 2.31
C VAL B 157 13.35 5.09 2.62
N THR B 158 13.59 6.02 3.53
CA THR B 158 14.90 6.31 4.07
C THR B 158 14.95 5.58 5.44
N VAL B 159 16.08 4.96 5.74
CA VAL B 159 16.21 4.07 6.88
C VAL B 159 17.60 4.22 7.50
N GLY B 160 17.62 4.26 8.81
CA GLY B 160 18.87 4.29 9.56
C GLY B 160 18.59 4.18 11.02
N TYR B 161 19.65 4.17 11.83
CA TYR B 161 19.48 4.14 13.28
C TYR B 161 19.11 5.58 13.64
N PRO B 162 18.14 5.73 14.55
CA PRO B 162 17.63 7.05 14.89
C PRO B 162 18.65 7.96 15.56
N ALA B 163 18.76 9.20 15.09
CA ALA B 163 19.62 10.22 15.69
C ALA B 163 18.72 11.36 16.22
N GLU B 164 17.43 11.05 16.43
CA GLU B 164 16.46 11.94 17.05
C GLU B 164 15.37 11.15 17.78
N SER B 165 14.67 11.80 18.69
CA SER B 165 13.59 11.15 19.41
C SER B 165 12.45 12.13 19.47
N PRO B 166 11.72 12.30 18.37
CA PRO B 166 10.67 13.29 18.28
C PRO B 166 9.40 12.90 19.03
N LYS B 167 8.62 13.92 19.39
CA LYS B 167 7.36 13.73 20.08
C LYS B 167 6.48 13.06 19.03
N GLN B 168 5.65 12.11 19.45
CA GLN B 168 4.76 11.37 18.54
C GLN B 168 3.67 12.28 18.02
N VAL B 169 3.36 12.26 16.73
CA VAL B 169 2.29 13.14 16.21
C VAL B 169 0.89 12.54 16.51
N ASP B 170 -0.10 13.41 16.59
CA ASP B 170 -1.45 12.98 16.95
C ASP B 170 -2.09 12.18 15.88
N ARG B 171 -3.12 11.46 16.28
CA ARG B 171 -3.98 10.74 15.33
C ARG B 171 -5.42 11.06 15.69
N LEU B 172 -6.30 10.94 14.72
CA LEU B 172 -7.69 11.19 14.99
C LEU B 172 -8.30 10.12 15.88
N PRO B 173 -9.37 10.48 16.62
CA PRO B 173 -10.09 9.48 17.36
C PRO B 173 -10.55 8.44 16.39
N ILE B 174 -10.46 7.17 16.79
CA ILE B 174 -10.80 6.08 15.82
C ILE B 174 -12.24 6.04 15.37
N GLU B 175 -13.10 6.68 16.15
CA GLU B 175 -14.52 6.78 15.78
C GLU B 175 -14.67 7.60 14.51
N GLY B 176 -13.69 8.40 14.19
CA GLY B 176 -13.69 9.16 12.96
C GLY B 176 -13.22 8.40 11.73
N ILE B 177 -12.53 7.29 11.93
CA ILE B 177 -11.94 6.47 10.84
C ILE B 177 -12.70 5.19 10.60
N ILE B 178 -13.22 4.58 11.67
CA ILE B 178 -13.96 3.32 11.59
C ILE B 178 -15.44 3.61 11.42
N HIS B 179 -16.04 2.87 10.48
CA HIS B 179 -17.46 2.92 10.13
C HIS B 179 -18.04 1.51 10.28
N GLU B 180 -19.13 1.40 11.03
CA GLU B 180 -19.76 0.10 11.25
C GLU B 180 -20.76 -0.19 10.14
N GLU B 181 -20.46 -1.24 9.37
CA GLU B 181 -21.31 -1.77 8.28
C GLU B 181 -21.49 -0.90 7.04
N SER B 182 -21.55 0.41 7.24
CA SER B 182 -21.66 1.34 6.13
C SER B 182 -20.99 2.66 6.51
N TYR B 183 -20.69 3.44 5.49
CA TYR B 183 -20.03 4.72 5.66
C TYR B 183 -21.00 5.69 6.30
N HIS B 184 -20.62 6.25 7.45
CA HIS B 184 -21.40 7.25 8.11
C HIS B 184 -20.71 8.59 7.85
N ASP B 185 -21.32 9.33 6.95
CA ASP B 185 -20.78 10.61 6.51
C ASP B 185 -20.64 11.56 7.70
N TYR B 186 -19.73 12.49 7.53
CA TYR B 186 -19.40 13.43 8.55
C TYR B 186 -20.24 14.70 8.48
N THR B 187 -20.86 15.04 9.60
CA THR B 187 -21.57 16.29 9.76
C THR B 187 -20.53 17.31 10.23
N ALA B 188 -20.91 18.58 10.30
CA ALA B 188 -19.98 19.61 10.76
C ALA B 188 -19.64 19.31 12.22
N GLU B 189 -20.63 18.81 12.97
CA GLU B 189 -20.46 18.50 14.39
C GLU B 189 -19.46 17.35 14.54
N ASP B 190 -19.56 16.34 13.67
CA ASP B 190 -18.60 15.23 13.63
C ASP B 190 -17.20 15.77 13.43
N ILE B 191 -17.04 16.58 12.39
CA ILE B 191 -15.75 17.21 12.06
C ILE B 191 -15.18 18.02 13.19
N ASN B 192 -15.99 18.88 13.78
CA ASN B 192 -15.50 19.72 14.88
C ASN B 192 -15.04 18.90 16.06
N ARG B 193 -15.79 17.85 16.39
CA ARG B 193 -15.45 16.90 17.50
C ARG B 193 -14.14 16.14 17.23
N LEU B 194 -14.08 15.54 16.04
CA LEU B 194 -12.93 14.75 15.62
C LEU B 194 -11.64 15.53 15.56
N TYR B 195 -11.71 16.76 15.09
CA TYR B 195 -10.52 17.59 14.90
C TYR B 195 -10.20 18.55 16.04
N ALA B 196 -11.03 18.59 17.08
CA ALA B 196 -10.85 19.50 18.19
C ALA B 196 -9.47 19.33 18.82
N TYR B 197 -9.12 18.09 19.15
CA TYR B 197 -7.82 17.82 19.78
C TYR B 197 -6.66 18.15 18.85
N LYS B 198 -6.70 17.74 17.59
CA LYS B 198 -5.63 18.08 16.63
C LYS B 198 -5.38 19.59 16.64
N GLU B 199 -6.47 20.37 16.61
CA GLU B 199 -6.38 21.81 16.57
C GLU B 199 -5.86 22.48 17.82
N SER B 200 -5.99 21.80 18.96
CA SER B 200 -5.54 22.32 20.25
C SER B 200 -4.03 22.23 20.47
N LEU B 201 -3.34 21.49 19.60
CA LEU B 201 -1.92 21.22 19.79
C LEU B 201 -1.09 22.40 19.38
N PRO B 202 -0.15 22.84 20.24
CA PRO B 202 0.73 23.96 19.88
C PRO B 202 1.47 23.77 18.54
N GLU B 203 1.81 22.54 18.20
CA GLU B 203 2.52 22.25 16.97
C GLU B 203 1.67 22.62 15.77
N ASN B 204 0.37 22.37 15.85
CA ASN B 204 -0.54 22.66 14.72
C ASN B 204 -0.87 24.12 14.65
N LYS B 205 -0.93 24.76 15.80
CA LYS B 205 -1.20 26.19 15.84
C LYS B 205 -0.03 26.98 15.26
N LEU B 206 1.19 26.51 15.50
CA LEU B 206 2.40 27.12 14.98
C LEU B 206 2.40 26.94 13.47
N PHE B 207 2.11 25.73 13.06
CA PHE B 207 2.05 25.40 11.64
C PHE B 207 1.08 26.37 10.89
N ILE B 208 -0.03 26.75 11.54
CA ILE B 208 -1.02 27.67 10.94
C ILE B 208 -0.43 29.06 10.86
N GLU B 209 0.16 29.50 11.96
CA GLU B 209 0.72 30.82 12.10
C GLU B 209 1.93 31.05 11.21
N GLU B 210 2.83 30.07 11.13
CA GLU B 210 4.03 30.23 10.32
C GLU B 210 3.76 30.11 8.81
N ASN B 211 2.50 29.87 8.45
CA ASN B 211 2.10 29.83 7.04
C ASN B 211 1.12 30.94 6.74
N GLN B 212 0.89 31.77 7.74
CA GLN B 212 0.03 32.93 7.66
C GLN B 212 -1.39 32.57 7.25
N LYS B 213 -1.86 31.49 7.87
CA LYS B 213 -3.20 31.00 7.68
C LYS B 213 -4.02 31.20 8.94
N GLU B 214 -5.30 30.94 8.81
CA GLU B 214 -6.20 31.03 9.93
C GLU B 214 -6.62 29.68 10.41
N THR B 215 -6.68 28.69 9.51
CA THR B 215 -7.09 27.33 9.89
C THR B 215 -6.07 26.32 9.43
N LEU B 216 -6.09 25.15 10.06
CA LEU B 216 -5.11 24.14 9.75
C LEU B 216 -5.27 23.61 8.36
N PRO B 217 -6.52 23.35 7.92
CA PRO B 217 -6.71 22.89 6.54
C PRO B 217 -6.18 23.82 5.46
N GLN B 218 -6.17 25.13 5.73
CA GLN B 218 -5.67 26.11 4.75
C GLN B 218 -4.19 25.89 4.46
N VAL B 219 -3.44 25.39 5.43
CA VAL B 219 -2.02 25.16 5.19
C VAL B 219 -1.88 24.03 4.17
N PHE B 220 -2.71 23.02 4.32
CA PHE B 220 -2.68 21.89 3.42
C PHE B 220 -3.19 22.24 2.04
N THR B 221 -4.29 23.00 1.97
CA THR B 221 -4.87 23.37 0.69
C THR B 221 -4.08 24.46 -0.02
N ASP B 222 -3.53 25.42 0.73
CA ASP B 222 -2.89 26.59 0.12
C ASP B 222 -1.38 26.46 -0.03
N VAL B 223 -0.75 25.64 0.78
CA VAL B 223 0.67 25.53 0.74
C VAL B 223 1.17 24.11 0.43
N ARG B 224 0.81 23.12 1.25
CA ARG B 224 1.39 21.77 1.13
C ARG B 224 0.91 20.95 -0.06
N TYR B 225 -0.40 20.78 -0.18
CA TYR B 225 -0.97 19.96 -1.23
C TYR B 225 -2.07 20.73 -1.95
N THR B 226 -1.62 21.60 -2.83
CA THR B 226 -2.53 22.50 -3.57
C THR B 226 -3.20 21.84 -4.74
N LYS B 227 -4.35 22.35 -5.10
CA LYS B 227 -5.11 21.91 -6.23
C LYS B 227 -4.31 21.96 -7.52
N LYS B 228 -3.58 23.08 -7.70
CA LYS B 228 -2.77 23.33 -8.89
C LYS B 228 -1.71 22.25 -9.08
N ASP B 229 -0.96 22.01 -8.01
CA ASP B 229 0.06 20.97 -7.96
C ASP B 229 -0.53 19.58 -8.07
N ASN B 230 -1.63 19.29 -7.39
CA ASN B 230 -2.26 17.97 -7.46
C ASN B 230 -2.71 17.66 -8.87
N GLU B 231 -3.24 18.68 -9.53
CA GLU B 231 -3.71 18.53 -10.92
C GLU B 231 -2.51 18.36 -11.86
N PHE B 232 -1.47 19.16 -11.67
CA PHE B 232 -0.27 18.99 -12.47
C PHE B 232 0.32 17.59 -12.29
N MSE B 233 0.43 17.16 -11.04
CA MSE B 233 0.97 15.84 -10.71
C MSE B 233 0.10 14.70 -11.19
O MSE B 233 0.63 13.66 -11.49
CB MSE B 233 1.23 15.67 -9.21
CG MSE B 233 2.27 16.61 -8.61
SE MSE B 233 3.97 16.74 -9.61
CE MSE B 233 4.51 18.71 -8.82
N SER B 234 -1.20 14.88 -11.27
CA SER B 234 -2.09 13.85 -11.82
C SER B 234 -1.84 13.65 -13.31
N GLU B 235 -1.67 14.74 -14.05
CA GLU B 235 -1.36 14.65 -15.47
C GLU B 235 0.05 14.06 -15.68
N ASN B 236 0.98 14.47 -14.82
CA ASN B 236 2.33 13.97 -14.94
C ASN B 236 2.31 12.44 -14.71
N LEU B 237 1.51 12.01 -13.74
CA LEU B 237 1.46 10.63 -13.35
C LEU B 237 0.99 9.82 -14.55
N LEU B 238 -0.05 10.30 -15.22
CA LEU B 238 -0.52 9.63 -16.42
C LEU B 238 0.54 9.56 -17.53
N LYS B 239 1.32 10.62 -17.66
CA LYS B 239 2.36 10.69 -18.68
C LYS B 239 3.43 9.68 -18.34
N VAL B 240 3.84 9.61 -17.08
CA VAL B 240 4.91 8.69 -16.68
C VAL B 240 4.42 7.24 -16.68
N LEU B 241 3.14 7.02 -16.35
CA LEU B 241 2.54 5.70 -16.43
C LEU B 241 2.57 5.20 -17.88
N ARG B 242 2.19 6.04 -18.83
CA ARG B 242 2.25 5.70 -20.25
C ARG B 242 3.70 5.43 -20.71
N ARG B 243 4.65 6.21 -20.22
CA ARG B 243 6.04 6.06 -20.57
C ARG B 243 6.53 4.69 -20.13
N GLN B 244 6.05 4.27 -18.98
CA GLN B 244 6.48 3.01 -18.42
C GLN B 244 5.66 1.84 -18.93
N GLY B 245 4.73 2.07 -19.83
CA GLY B 245 4.03 0.94 -20.42
C GLY B 245 2.81 0.51 -19.66
N PHE B 246 2.45 1.23 -18.60
CA PHE B 246 1.29 0.88 -17.81
C PHE B 246 0.02 1.49 -18.35
N MSE B 247 0.14 2.20 -19.46
CA MSE B 247 -1.01 2.62 -20.23
C MSE B 247 -0.61 3.02 -21.61
O MSE B 247 0.58 3.17 -21.92
CB MSE B 247 -1.82 3.73 -19.58
CG MSE B 247 -1.13 4.77 -18.80
SE MSE B 247 -2.63 5.70 -17.88
CE MSE B 247 -3.08 6.92 -19.27
N ASP B 248 -1.63 3.12 -22.45
CA ASP B 248 -1.50 3.57 -23.83
C ASP B 248 -1.77 5.05 -23.90
N1 FMN C . -6.30 -14.57 -1.91
C2 FMN C . -7.52 -15.11 -2.33
O2 FMN C . -7.84 -16.27 -2.02
N3 FMN C . -8.40 -14.37 -3.13
C4 FMN C . -8.10 -13.06 -3.56
O4 FMN C . -9.07 -12.29 -3.92
C4A FMN C . -6.84 -12.54 -3.14
N5 FMN C . -6.48 -11.25 -3.52
C5A FMN C . -5.29 -10.67 -3.10
C6 FMN C . -5.02 -9.37 -3.53
C7 FMN C . -3.86 -8.73 -3.16
C7M FMN C . -3.63 -7.33 -3.67
C8 FMN C . -2.93 -9.40 -2.36
C8M FMN C . -1.80 -8.61 -1.79
C9 FMN C . -3.19 -10.71 -1.93
C9A FMN C . -4.39 -11.39 -2.29
N10 FMN C . -4.72 -12.71 -1.90
C10 FMN C . -5.93 -13.28 -2.32
C1' FMN C . -3.77 -13.60 -1.10
C2' FMN C . -2.65 -14.08 -2.02
O2' FMN C . -3.21 -15.04 -2.94
C3' FMN C . -1.47 -14.59 -1.24
O3' FMN C . -0.80 -13.54 -0.50
C4' FMN C . -0.43 -15.27 -2.14
O4' FMN C . -0.92 -16.49 -2.64
C5' FMN C . 0.78 -15.65 -1.31
O5' FMN C . 0.25 -16.40 -0.23
P FMN C . 0.66 -16.08 1.32
O1P FMN C . 0.16 -14.68 1.74
O2P FMN C . 2.17 -16.11 1.41
O3P FMN C . 0.11 -17.28 2.11
N1 FMN D . 7.52 12.65 5.50
C2 FMN D . 8.43 13.61 5.03
O2 FMN D . 9.17 14.25 5.79
N3 FMN D . 8.49 13.91 3.68
C4 FMN D . 7.69 13.25 2.74
O4 FMN D . 8.14 13.24 1.58
C4A FMN D . 6.77 12.27 3.20
N5 FMN D . 5.93 11.57 2.31
C5A FMN D . 5.05 10.58 2.77
C6 FMN D . 4.22 9.89 1.86
C7 FMN D . 3.34 8.89 2.27
C7M FMN D . 3.11 7.75 1.30
C8 FMN D . 3.26 8.61 3.64
C8M FMN D . 2.63 7.33 4.05
C9 FMN D . 4.06 9.30 4.56
C9A FMN D . 4.97 10.28 4.15
N10 FMN D . 5.82 10.99 5.05
C10 FMN D . 6.70 11.98 4.59
C1' FMN D . 5.73 10.79 6.52
C2' FMN D . 4.47 11.50 7.04
O2' FMN D . 4.60 12.90 6.86
C3' FMN D . 4.25 11.07 8.50
O3' FMN D . 3.91 9.71 8.53
C4' FMN D . 3.19 11.90 9.23
O4' FMN D . 3.74 13.16 9.63
C5' FMN D . 2.72 11.21 10.49
O5' FMN D . 3.87 11.06 11.29
P FMN D . 4.29 9.67 12.02
O1P FMN D . 3.15 9.19 12.87
O2P FMN D . 5.46 9.97 12.93
O3P FMN D . 4.65 8.66 10.93
#